data_5KTJ
#
_entry.id   5KTJ
#
_cell.length_a   85.190
_cell.length_b   85.190
_cell.length_c   256.540
_cell.angle_alpha   90.00
_cell.angle_beta   90.00
_cell.angle_gamma   90.00
#
_symmetry.space_group_name_H-M   'I 41 2 2'
#
loop_
_entity.id
_entity.type
_entity.pdbx_description
1 polymer 'Pistol (50-MER)'
2 polymer "RNA (5'-R(*UP*CP*UP*GP*CP*UP*CP*UP*CP*GP*UP*CP*CP*AP*A)-3')"
3 non-polymer 'SAMARIUM (III) ION'
4 non-polymer 'MAGNESIUM ION'
5 non-polymer 'COBALT HEXAMMINE(III)'
6 water water
#
loop_
_entity_poly.entity_id
_entity_poly.type
_entity_poly.pdbx_seq_one_letter_code
_entity_poly.pdbx_strand_id
1 'polyribonucleotide' (ATP)CUCGUUUGAGCGAGUAUAAACAGUUGGUUAGGCUCAAAGCGGAGAGCAG A,C
2 'polyribonucleotide' UCUGCUCUCGUCCAA B,D
#